data_7HJV
#
_entry.id   7HJV
#
_cell.length_a   26.018
_cell.length_b   47.113
_cell.length_c   46.456
_cell.angle_alpha   90.000
_cell.angle_beta   103.070
_cell.angle_gamma   90.000
#
_symmetry.space_group_name_H-M   'P 1 21 1'
#
loop_
_entity.id
_entity.type
_entity.pdbx_description
1 polymer 'De novo designed ABLE protein'
2 non-polymer PYROQUILON
3 water water
#
_entity_poly.entity_id   1
_entity_poly.type   'polypeptide(L)'
_entity_poly.pdbx_seq_one_letter_code
;SVKSEYAEAAAVGQEAVAVFNTMKAAFQNGDKEAVAQYLARLASLYTRHEELLNRILEKARREGNKEAVTLMNEFTATFQ
TGKSIFNAMVAAFKNGDDDSFESYLQALEKVTAKGETLADQIAKAL
;
_entity_poly.pdbx_strand_id   A
#
loop_
_chem_comp.id
_chem_comp.type
_chem_comp.name
_chem_comp.formula
PYQ non-polymer PYROQUILON 'C11 H11 N O'
#
# COMPACT_ATOMS: atom_id res chain seq x y z
N SER A 1 -1.36 8.24 -20.42
CA SER A 1 -2.73 7.71 -20.24
C SER A 1 -2.96 7.33 -18.79
N VAL A 2 -4.22 7.08 -18.47
CA VAL A 2 -4.53 6.63 -17.13
C VAL A 2 -3.91 5.25 -16.91
N LYS A 3 -3.81 4.45 -17.97
N LYS A 3 -3.79 4.46 -17.98
CA LYS A 3 -3.21 3.12 -17.84
CA LYS A 3 -3.22 3.13 -17.85
C LYS A 3 -1.74 3.23 -17.48
C LYS A 3 -1.73 3.20 -17.52
N SER A 4 -1.02 4.18 -18.07
CA SER A 4 0.39 4.34 -17.72
C SER A 4 0.56 4.98 -16.34
N GLU A 5 -0.37 5.85 -15.96
CA GLU A 5 -0.36 6.35 -14.60
C GLU A 5 -0.60 5.22 -13.61
N TYR A 6 -1.39 4.21 -13.99
CA TYR A 6 -1.60 3.08 -13.08
C TYR A 6 -0.34 2.22 -13.00
N ALA A 7 0.39 2.08 -14.10
CA ALA A 7 1.64 1.32 -14.04
C ALA A 7 2.68 2.01 -13.15
N GLU A 8 2.70 3.34 -13.18
CA GLU A 8 3.56 4.08 -12.28
C GLU A 8 3.13 3.87 -10.81
N ALA A 9 1.82 3.90 -10.57
CA ALA A 9 1.31 3.63 -9.23
C ALA A 9 1.62 2.22 -8.79
N ALA A 10 1.49 1.25 -9.70
N ALA A 10 1.52 1.26 -9.72
CA ALA A 10 1.83 -0.11 -9.35
CA ALA A 10 1.77 -0.13 -9.38
C ALA A 10 3.29 -0.23 -8.93
C ALA A 10 3.24 -0.41 -9.08
N ALA A 11 4.18 0.49 -9.63
N ALA A 11 4.14 0.43 -9.60
CA ALA A 11 5.60 0.41 -9.30
CA ALA A 11 5.55 0.29 -9.24
C ALA A 11 5.86 1.00 -7.92
C ALA A 11 5.77 0.66 -7.77
N VAL A 12 5.23 2.12 -7.60
N VAL A 12 5.06 1.69 -7.30
CA VAL A 12 5.38 2.67 -6.26
CA VAL A 12 5.13 2.06 -5.89
C VAL A 12 4.88 1.67 -5.21
C VAL A 12 4.63 0.91 -5.02
N GLY A 13 3.75 1.01 -5.48
N GLY A 13 3.65 0.16 -5.51
CA GLY A 13 3.29 -0.04 -4.57
CA GLY A 13 3.21 -1.02 -4.80
C GLY A 13 4.33 -1.15 -4.38
C GLY A 13 4.32 -2.05 -4.62
N GLN A 14 4.96 -1.59 -5.48
N GLN A 14 5.15 -2.23 -5.65
CA GLN A 14 5.99 -2.62 -5.36
CA GLN A 14 6.24 -3.19 -5.54
C GLN A 14 7.20 -2.14 -4.60
C GLN A 14 7.38 -2.63 -4.70
N GLU A 15 7.50 -0.85 -4.65
N GLU A 15 7.68 -1.34 -4.83
CA GLU A 15 8.60 -0.32 -3.86
CA GLU A 15 8.68 -0.74 -3.96
C GLU A 15 8.28 -0.44 -2.37
C GLU A 15 8.26 -0.87 -2.50
N ALA A 16 7.04 -0.14 -2.00
N ALA A 16 6.97 -0.74 -2.23
CA ALA A 16 6.63 -0.33 -0.61
CA ALA A 16 6.48 -0.95 -0.87
C ALA A 16 6.71 -1.79 -0.22
C ALA A 16 6.77 -2.36 -0.38
N VAL A 17 6.32 -2.71 -1.10
N VAL A 17 6.65 -3.34 -1.28
CA VAL A 17 6.44 -4.13 -0.77
CA VAL A 17 6.92 -4.73 -0.90
C VAL A 17 7.89 -4.46 -0.48
C VAL A 17 8.40 -4.89 -0.55
N ALA A 18 8.79 -3.99 -1.33
N ALA A 18 9.28 -4.20 -1.27
CA ALA A 18 10.21 -4.30 -1.14
CA ALA A 18 10.71 -4.38 -1.05
C ALA A 18 10.72 -3.76 0.18
C ALA A 18 11.15 -3.79 0.29
N VAL A 19 10.44 -2.49 0.46
N VAL A 19 10.74 -2.55 0.57
CA VAL A 19 10.89 -1.87 1.70
CA VAL A 19 11.15 -1.91 1.81
C VAL A 19 10.25 -2.56 2.92
C VAL A 19 10.45 -2.56 3.01
N PHE A 20 8.98 -2.96 2.79
N PHE A 20 9.22 -3.04 2.82
CA PHE A 20 8.29 -3.63 3.89
CA PHE A 20 8.53 -3.75 3.89
C PHE A 20 8.98 -4.94 4.25
C PHE A 20 9.27 -5.04 4.26
N ASN A 21 9.36 -5.73 3.25
N ASN A 21 9.72 -5.79 3.24
CA ASN A 21 10.02 -6.99 3.57
CA ASN A 21 10.40 -7.04 3.52
C ASN A 21 11.39 -6.76 4.19
C ASN A 21 11.73 -6.80 4.24
N THR A 22 12.13 -5.75 3.74
N THR A 22 12.45 -5.73 3.88
CA THR A 22 13.38 -5.41 4.40
CA THR A 22 13.66 -5.39 4.62
C THR A 22 13.13 -4.98 5.85
C THR A 22 13.32 -4.84 6.00
N MET A 23 12.08 -4.18 6.06
N MET A 23 12.16 -4.20 6.14
CA MET A 23 11.73 -3.74 7.41
CA MET A 23 11.72 -3.72 7.45
C MET A 23 11.39 -4.90 8.32
C MET A 23 11.31 -4.88 8.36
N LYS A 24 10.64 -5.88 7.80
CA LYS A 24 10.27 -7.06 8.59
C LYS A 24 11.52 -7.81 9.04
N ALA A 25 12.50 -7.97 8.14
CA ALA A 25 13.76 -8.62 8.52
C ALA A 25 14.46 -7.83 9.62
N ALA A 26 14.50 -6.50 9.50
CA ALA A 26 15.15 -5.68 10.52
C ALA A 26 14.42 -5.80 11.86
N PHE A 27 13.09 -5.79 11.86
CA PHE A 27 12.32 -5.96 13.08
C PHE A 27 12.67 -7.28 13.74
N GLN A 28 12.65 -8.36 12.96
CA GLN A 28 12.95 -9.66 13.55
C GLN A 28 14.36 -9.66 14.14
N ASN A 29 15.31 -8.97 13.50
CA ASN A 29 16.69 -8.91 14.00
C ASN A 29 16.90 -7.93 15.14
N GLY A 30 15.90 -7.12 15.48
CA GLY A 30 16.02 -6.17 16.55
C GLY A 30 16.76 -4.89 16.20
N ASP A 31 16.90 -4.57 14.91
CA ASP A 31 17.63 -3.39 14.43
C ASP A 31 16.60 -2.26 14.36
N LYS A 32 16.29 -1.70 15.52
N LYS A 32 16.32 -1.68 15.53
CA LYS A 32 15.21 -0.72 15.63
CA LYS A 32 15.26 -0.68 15.62
C LYS A 32 15.56 0.57 14.91
C LYS A 32 15.61 0.61 14.90
N GLU A 33 16.83 0.93 14.83
N GLU A 33 16.89 0.95 14.82
CA GLU A 33 17.20 2.13 14.09
CA GLU A 33 17.28 2.14 14.07
C GLU A 33 16.85 1.97 12.61
C GLU A 33 16.95 1.99 12.60
N ALA A 34 17.14 0.79 12.04
CA ALA A 34 16.75 0.56 10.66
C ALA A 34 15.24 0.58 10.54
N VAL A 35 14.54 -0.10 11.46
CA VAL A 35 13.08 -0.15 11.37
C VAL A 35 12.50 1.26 11.33
N ALA A 36 12.96 2.14 12.21
CA ALA A 36 12.45 3.52 12.24
C ALA A 36 12.57 4.17 10.86
N GLN A 37 13.73 4.04 10.24
CA GLN A 37 13.95 4.63 8.93
C GLN A 37 13.07 4.00 7.85
N TYR A 38 12.93 2.68 7.88
CA TYR A 38 12.05 2.01 6.92
C TYR A 38 10.60 2.43 7.11
N LEU A 39 10.17 2.60 8.36
CA LEU A 39 8.79 3.06 8.58
C LEU A 39 8.56 4.46 8.03
N ALA A 40 9.53 5.38 8.20
CA ALA A 40 9.43 6.69 7.57
C ALA A 40 9.35 6.56 6.05
N ARG A 41 10.20 5.71 5.48
N ARG A 41 10.16 5.67 5.48
CA ARG A 41 10.19 5.51 4.03
CA ARG A 41 10.15 5.48 4.03
C ARG A 41 8.84 4.98 3.54
C ARG A 41 8.86 4.82 3.56
N LEU A 42 8.29 3.98 4.26
N LEU A 42 8.32 3.88 4.33
CA LEU A 42 6.98 3.44 3.91
CA LEU A 42 7.09 3.21 3.95
C LEU A 42 5.90 4.50 4.02
C LEU A 42 5.89 4.15 4.09
N ALA A 43 5.93 5.34 5.06
N ALA A 43 5.95 5.11 5.00
CA ALA A 43 4.90 6.37 5.15
CA ALA A 43 4.87 6.10 5.09
C ALA A 43 4.88 7.23 3.90
C ALA A 43 4.93 7.09 3.94
N SER A 44 6.06 7.65 3.47
N SER A 44 6.09 7.27 3.32
CA SER A 44 6.13 8.49 2.28
CA SER A 44 6.20 8.16 2.17
C SER A 44 5.64 7.73 1.06
C SER A 44 5.67 7.51 0.90
N LEU A 45 6.02 6.46 0.95
N LEU A 45 5.84 6.20 0.76
CA LEU A 45 5.59 5.66 -0.19
CA LEU A 45 5.25 5.50 -0.38
C LEU A 45 4.08 5.45 -0.21
C LEU A 45 3.74 5.44 -0.28
N TYR A 46 3.49 5.13 0.94
N TYR A 46 3.19 5.38 0.94
CA TYR A 46 2.04 4.98 1.00
CA TYR A 46 1.74 5.44 1.11
C TYR A 46 1.35 6.30 0.72
C TYR A 46 1.19 6.77 0.61
N THR A 47 1.92 7.41 1.19
N THR A 47 1.80 7.88 1.05
CA THR A 47 1.28 8.71 0.91
CA THR A 47 1.30 9.19 0.66
C THR A 47 1.27 8.98 -0.59
C THR A 47 1.36 9.37 -0.86
N ARG A 48 2.37 8.68 -1.28
N ARG A 48 2.47 8.93 -1.47
CA ARG A 48 2.45 8.88 -2.73
CA ARG A 48 2.59 8.98 -2.92
C ARG A 48 1.52 7.93 -3.46
C ARG A 48 1.52 8.12 -3.58
N HIS A 49 1.51 6.66 -3.07
N HIS A 49 1.40 6.87 -3.14
CA HIS A 49 0.65 5.69 -3.72
CA HIS A 49 0.46 5.96 -3.79
C HIS A 49 -0.82 6.10 -3.60
C HIS A 49 -0.97 6.41 -3.60
N GLU A 50 -1.25 6.47 -2.39
N GLU A 50 -1.28 6.97 -2.43
CA GLU A 50 -2.61 6.95 -2.17
CA GLU A 50 -2.65 7.43 -2.17
C GLU A 50 -2.97 8.08 -3.11
C GLU A 50 -3.03 8.55 -3.13
N GLU A 51 -2.06 9.05 -3.29
N GLU A 51 -2.16 9.56 -3.25
CA GLU A 51 -2.37 10.20 -4.15
CA GLU A 51 -2.45 10.66 -4.17
C GLU A 51 -2.52 9.78 -5.62
C GLU A 51 -2.45 10.18 -5.63
N LEU A 52 -1.61 8.92 -6.10
N LEU A 52 -1.67 9.15 -5.96
CA LEU A 52 -1.71 8.42 -7.47
CA LEU A 52 -1.68 8.63 -7.31
C LEU A 52 -3.00 7.66 -7.70
C LEU A 52 -2.93 7.80 -7.58
N LEU A 53 -3.40 6.86 -6.72
N LEU A 53 -3.33 6.96 -6.63
CA LEU A 53 -4.64 6.12 -6.80
CA LEU A 53 -4.54 6.18 -6.79
C LEU A 53 -5.83 7.06 -6.88
C LEU A 53 -5.76 7.08 -6.91
N ASN A 54 -5.81 8.16 -6.11
CA ASN A 54 -6.97 9.04 -6.15
C ASN A 54 -7.05 9.73 -7.49
N ARG A 55 -5.90 10.13 -8.04
CA ARG A 55 -5.92 10.76 -9.36
C ARG A 55 -6.43 9.80 -10.43
N ILE A 56 -6.07 8.54 -10.33
CA ILE A 56 -6.53 7.52 -11.28
C ILE A 56 -8.04 7.36 -11.17
N LEU A 57 -8.56 7.28 -9.94
CA LEU A 57 -9.99 7.11 -9.75
C LEU A 57 -10.75 8.33 -10.25
N GLU A 58 -10.27 9.54 -9.92
CA GLU A 58 -10.94 10.74 -10.43
C GLU A 58 -10.95 10.79 -11.96
N LYS A 59 -9.85 10.35 -12.58
CA LYS A 59 -9.79 10.35 -14.04
C LYS A 59 -10.75 9.32 -14.65
N ALA A 60 -10.79 8.10 -14.09
CA ALA A 60 -11.75 7.12 -14.55
C ALA A 60 -13.18 7.64 -14.44
N ARG A 61 -13.46 8.39 -13.37
CA ARG A 61 -14.79 8.99 -13.21
C ARG A 61 -15.05 10.00 -14.32
N ARG A 62 -14.09 10.88 -14.59
CA ARG A 62 -14.28 11.89 -15.62
C ARG A 62 -14.45 11.25 -17.00
N GLU A 63 -13.80 10.11 -17.23
CA GLU A 63 -13.88 9.36 -18.47
C GLU A 63 -15.15 8.53 -18.60
N GLY A 64 -15.93 8.42 -17.54
CA GLY A 64 -17.15 7.61 -17.59
C GLY A 64 -16.90 6.12 -17.58
N ASN A 65 -15.75 5.68 -17.09
CA ASN A 65 -15.34 4.28 -17.19
C ASN A 65 -15.90 3.55 -15.98
N LYS A 66 -17.18 3.18 -16.09
CA LYS A 66 -17.92 2.73 -14.91
C LYS A 66 -17.25 1.52 -14.27
N GLU A 67 -16.85 0.53 -15.07
CA GLU A 67 -16.23 -0.64 -14.45
C GLU A 67 -14.95 -0.28 -13.73
N ALA A 68 -14.11 0.56 -14.34
CA ALA A 68 -12.87 0.95 -13.66
C ALA A 68 -13.17 1.71 -12.38
N VAL A 69 -14.22 2.53 -12.37
CA VAL A 69 -14.57 3.27 -11.16
C VAL A 69 -14.99 2.32 -10.05
N THR A 70 -15.85 1.34 -10.38
CA THR A 70 -16.26 0.34 -9.39
C THR A 70 -15.05 -0.34 -8.77
N LEU A 71 -14.15 -0.86 -9.62
N LEU A 71 -14.12 -0.81 -9.62
CA LEU A 71 -12.99 -1.59 -9.11
CA LEU A 71 -12.95 -1.53 -9.11
C LEU A 71 -12.07 -0.68 -8.30
C LEU A 71 -12.07 -0.62 -8.27
N MET A 72 -11.87 0.57 -8.74
N MET A 72 -11.91 0.64 -8.69
CA MET A 72 -11.01 1.50 -8.00
CA MET A 72 -11.06 1.56 -7.93
C MET A 72 -11.65 1.94 -6.70
C MET A 72 -11.69 1.93 -6.60
N ASN A 73 -12.98 2.07 -6.64
N ASN A 73 -12.99 2.23 -6.59
CA ASN A 73 -13.64 2.28 -5.36
CA ASN A 73 -13.67 2.54 -5.33
C ASN A 73 -13.38 1.11 -4.41
C ASN A 73 -13.54 1.42 -4.31
N GLU A 74 -13.52 -0.12 -4.89
N GLU A 74 -13.54 0.16 -4.78
CA GLU A 74 -13.23 -1.26 -4.02
CA GLU A 74 -13.35 -0.97 -3.88
C GLU A 74 -11.78 -1.25 -3.61
C GLU A 74 -11.90 -1.15 -3.49
N PHE A 75 -10.88 -0.98 -4.55
N PHE A 75 -10.97 -0.83 -4.40
CA PHE A 75 -9.45 -1.04 -4.25
CA PHE A 75 -9.55 -1.03 -4.10
C PHE A 75 -9.03 0.06 -3.29
C PHE A 75 -9.04 0.05 -3.15
N THR A 76 -9.52 1.29 -3.50
N THR A 76 -9.40 1.31 -3.39
CA THR A 76 -9.15 2.38 -2.58
CA THR A 76 -8.94 2.37 -2.50
C THR A 76 -9.69 2.13 -1.18
C THR A 76 -9.47 2.15 -1.08
N ALA A 77 -10.83 1.46 -1.07
N ALA A 77 -10.75 1.79 -0.95
CA ALA A 77 -11.32 1.10 0.27
CA ALA A 77 -11.30 1.52 0.37
C ALA A 77 -10.37 0.11 0.96
C ALA A 77 -10.48 0.47 1.10
N THR A 78 -9.89 -0.90 0.24
N THR A 78 -10.21 -0.66 0.44
CA THR A 78 -8.96 -1.84 0.83
CA THR A 78 -9.36 -1.68 1.04
C THR A 78 -7.64 -1.16 1.18
C THR A 78 -7.93 -1.20 1.17
N PHE A 79 -7.18 -0.24 0.32
N PHE A 79 -7.48 -0.32 0.27
CA PHE A 79 -5.98 0.54 0.63
CA PHE A 79 -6.14 0.25 0.36
C PHE A 79 -6.09 1.22 2.00
C PHE A 79 -5.96 0.99 1.69
N GLN A 80 -7.26 1.81 2.30
N GLN A 80 -7.00 1.69 2.15
CA GLN A 80 -7.43 2.48 3.59
CA GLN A 80 -6.89 2.41 3.41
C GLN A 80 -7.39 1.50 4.77
C GLN A 80 -6.94 1.46 4.61
N THR A 81 -7.87 0.26 4.57
N THR A 81 -7.61 0.32 4.46
CA THR A 81 -7.70 -0.75 5.60
CA THR A 81 -7.63 -0.66 5.54
C THR A 81 -6.21 -0.97 5.85
C THR A 81 -6.22 -1.08 5.92
N GLY A 82 -5.44 -1.13 4.78
N GLY A 82 -5.36 -1.29 4.93
CA GLY A 82 -4.01 -1.32 4.95
CA GLY A 82 -3.96 -1.52 5.20
C GLY A 82 -3.36 -0.12 5.62
C GLY A 82 -3.21 -0.30 5.66
N LYS A 83 -3.73 1.09 5.21
N LYS A 83 -3.71 0.89 5.32
CA LYS A 83 -3.15 2.29 5.82
CA LYS A 83 -3.11 2.12 5.84
C LYS A 83 -3.46 2.36 7.31
C LYS A 83 -3.44 2.31 7.31
N SER A 84 -4.69 2.02 7.71
CA SER A 84 -5.02 2.05 9.13
C SER A 84 -4.20 1.04 9.90
N ILE A 85 -4.00 -0.16 9.33
CA ILE A 85 -3.18 -1.14 10.03
C ILE A 85 -1.74 -0.67 10.08
N PHE A 86 -1.24 -0.07 8.99
CA PHE A 86 0.12 0.45 8.98
C PHE A 86 0.29 1.49 10.07
N ASN A 87 -0.63 2.43 10.17
CA ASN A 87 -0.51 3.45 11.18
C ASN A 87 -0.54 2.86 12.59
N ALA A 88 -1.36 1.83 12.80
CA ALA A 88 -1.35 1.16 14.09
C ALA A 88 -0.01 0.48 14.36
N MET A 89 0.60 -0.07 13.31
CA MET A 89 1.92 -0.68 13.44
C MET A 89 2.95 0.36 13.86
N VAL A 90 2.92 1.54 13.23
CA VAL A 90 3.84 2.62 13.58
C VAL A 90 3.68 3.00 15.05
N ALA A 91 2.43 3.09 15.52
CA ALA A 91 2.15 3.42 16.92
C ALA A 91 2.69 2.33 17.83
N ALA A 92 2.52 1.08 17.44
CA ALA A 92 3.06 -0.03 18.23
C ALA A 92 4.57 0.07 18.33
N PHE A 93 5.23 0.49 17.27
CA PHE A 93 6.68 0.65 17.34
C PHE A 93 7.07 1.77 18.29
N LYS A 94 6.40 2.91 18.16
N LYS A 94 6.38 2.91 18.19
CA LYS A 94 6.61 4.04 19.06
CA LYS A 94 6.66 4.04 19.07
C LYS A 94 6.48 3.63 20.51
C LYS A 94 6.45 3.65 20.53
N ASN A 95 5.45 2.81 20.81
CA ASN A 95 5.11 2.41 22.17
C ASN A 95 5.97 1.27 22.70
N GLY A 96 6.80 0.66 21.85
CA GLY A 96 7.58 -0.51 22.25
C GLY A 96 6.77 -1.79 22.38
N ASP A 97 5.63 -1.90 21.70
CA ASP A 97 4.75 -3.06 21.85
C ASP A 97 5.03 -4.01 20.68
N ASP A 98 6.00 -4.91 20.88
CA ASP A 98 6.39 -5.80 19.81
C ASP A 98 5.32 -6.83 19.51
N ASP A 99 4.53 -7.24 20.52
CA ASP A 99 3.43 -8.14 20.26
C ASP A 99 2.44 -7.53 19.29
N SER A 100 2.03 -6.29 19.53
CA SER A 100 1.13 -5.64 18.60
C SER A 100 1.80 -5.39 17.25
N PHE A 101 3.09 -5.07 17.25
CA PHE A 101 3.77 -4.84 15.97
C PHE A 101 3.75 -6.10 15.10
N GLU A 102 4.00 -7.25 15.71
CA GLU A 102 3.92 -8.52 14.98
C GLU A 102 2.52 -8.77 14.44
N SER A 103 1.50 -8.58 15.29
CA SER A 103 0.11 -8.76 14.88
C SER A 103 -0.20 -7.91 13.65
N TYR A 104 -0.02 -6.60 13.78
CA TYR A 104 -0.33 -5.69 12.69
C TYR A 104 0.48 -6.00 11.43
N LEU A 105 1.72 -6.45 11.59
CA LEU A 105 2.55 -6.77 10.43
C LEU A 105 1.95 -7.94 9.62
N GLN A 106 1.55 -9.01 10.32
N GLN A 106 1.57 -9.01 10.32
CA GLN A 106 0.92 -10.14 9.65
CA GLN A 106 0.92 -10.13 9.65
C GLN A 106 -0.40 -9.75 9.00
C GLN A 106 -0.38 -9.71 8.99
N ALA A 107 -1.19 -8.93 9.70
CA ALA A 107 -2.46 -8.46 9.14
C ALA A 107 -2.23 -7.66 7.87
N LEU A 108 -1.23 -6.77 7.89
CA LEU A 108 -0.97 -5.95 6.71
C LEU A 108 -0.54 -6.82 5.54
N GLU A 109 0.19 -7.90 5.81
CA GLU A 109 0.57 -8.84 4.77
C GLU A 109 -0.63 -9.54 4.16
N LYS A 110 -1.58 -9.97 5.00
N LYS A 110 -1.58 -9.98 5.00
CA LYS A 110 -2.75 -10.70 4.49
CA LYS A 110 -2.74 -10.71 4.48
C LYS A 110 -3.70 -9.77 3.77
C LYS A 110 -3.70 -9.78 3.75
N VAL A 111 -3.88 -8.55 4.28
N VAL A 111 -3.89 -8.56 4.26
CA VAL A 111 -4.71 -7.58 3.59
CA VAL A 111 -4.74 -7.59 3.57
C VAL A 111 -4.14 -7.28 2.22
C VAL A 111 -4.14 -7.26 2.20
N THR A 112 -2.81 -7.19 2.11
CA THR A 112 -2.17 -6.85 0.86
C THR A 112 -2.23 -8.00 -0.13
N ALA A 113 -1.98 -9.23 0.35
CA ALA A 113 -2.08 -10.39 -0.52
C ALA A 113 -3.50 -10.54 -1.07
N LYS A 114 -4.52 -10.28 -0.24
N LYS A 114 -4.51 -10.26 -0.24
CA LYS A 114 -5.89 -10.40 -0.72
CA LYS A 114 -5.90 -10.43 -0.68
C LYS A 114 -6.13 -9.47 -1.90
C LYS A 114 -6.24 -9.51 -1.84
N GLY A 115 -5.67 -8.22 -1.79
N GLY A 115 -5.71 -8.28 -1.81
CA GLY A 115 -5.98 -7.21 -2.78
CA GLY A 115 -6.08 -7.28 -2.79
C GLY A 115 -5.30 -7.34 -4.11
C GLY A 115 -5.27 -7.29 -4.07
N GLU A 116 -4.53 -8.40 -4.35
N GLU A 116 -4.56 -8.38 -4.36
CA GLU A 116 -3.72 -8.42 -5.56
CA GLU A 116 -3.73 -8.40 -5.56
C GLU A 116 -4.54 -8.78 -6.80
C GLU A 116 -4.49 -8.83 -6.81
N THR A 117 -5.51 -9.68 -6.67
CA THR A 117 -6.33 -10.00 -7.84
C THR A 117 -7.07 -8.76 -8.32
N LEU A 118 -7.62 -7.96 -7.40
CA LEU A 118 -8.27 -6.72 -7.78
C LEU A 118 -7.28 -5.74 -8.42
N ALA A 119 -6.07 -5.64 -7.85
CA ALA A 119 -5.05 -4.78 -8.45
C ALA A 119 -4.80 -5.15 -9.90
N ASP A 120 -4.72 -6.46 -10.19
N ASP A 120 -4.74 -6.46 -10.19
CA ASP A 120 -4.51 -6.86 -11.57
CA ASP A 120 -4.55 -6.89 -11.57
C ASP A 120 -5.72 -6.55 -12.43
C ASP A 120 -5.78 -6.65 -12.42
N GLN A 121 -6.93 -6.73 -11.89
N GLN A 121 -6.98 -6.73 -11.83
CA GLN A 121 -8.14 -6.43 -12.66
CA GLN A 121 -8.19 -6.43 -12.58
C GLN A 121 -8.18 -4.96 -13.08
C GLN A 121 -8.19 -4.99 -13.05
N ILE A 122 -7.68 -4.07 -12.22
CA ILE A 122 -7.75 -2.66 -12.54
C ILE A 122 -6.87 -2.33 -13.74
N ALA A 123 -5.66 -2.89 -13.79
CA ALA A 123 -4.80 -2.63 -14.93
C ALA A 123 -5.52 -2.93 -16.24
N LYS A 124 -6.29 -4.01 -16.27
N LYS A 124 -6.27 -4.02 -16.28
CA LYS A 124 -6.96 -4.42 -17.49
CA LYS A 124 -6.96 -4.44 -17.49
C LYS A 124 -8.18 -3.57 -17.78
C LYS A 124 -8.20 -3.60 -17.78
N ALA A 125 -8.77 -2.96 -16.77
CA ALA A 125 -10.00 -2.21 -16.94
C ALA A 125 -9.77 -0.77 -17.37
N LEU A 126 -8.61 -0.20 -17.09
CA LEU A 126 -8.40 1.23 -17.33
C LEU A 126 -8.31 1.53 -18.80
C1 PYQ B . 3.54 -1.31 3.24
C2 PYQ B . 3.22 -0.34 2.24
C3 PYQ B . 2.18 -0.79 1.37
C5 PYQ B . 1.62 -1.98 1.53
C6 PYQ B . 0.54 -2.34 0.56
C7 PYQ B . 0.64 -1.09 -0.40
N8 PYQ B . 1.66 -0.10 0.32
C9 PYQ B . 2.04 1.24 0.09
O10 PYQ B . 1.52 1.81 -0.87
C11 PYQ B . 3.11 1.93 1.06
C12 PYQ B . 3.90 0.99 2.11
C13 PYQ B . 1.94 -2.91 2.50
C14 PYQ B . 2.93 -2.53 3.35
H11 PYQ B . 4.32 -1.15 3.99
H61 PYQ B . -0.37 -2.59 1.14
H62 PYQ B . 0.94 -3.35 0.21
H71 PYQ B . 0.99 -1.38 -1.41
H72 PYQ B . -0.38 -0.66 -0.57
H111 PYQ B . 2.63 2.79 1.57
H112 PYQ B . 3.81 2.52 0.42
H121 PYQ B . 4.95 0.79 1.75
H122 PYQ B . 4.10 1.54 3.07
H131 PYQ B . 1.42 -3.87 2.55
H141 PYQ B . 3.19 -3.28 4.13
#